data_4RMA
#
_entry.id   4RMA
#
_cell.length_a   48.334
_cell.length_b   110.579
_cell.length_c   66.124
_cell.angle_alpha   90.00
_cell.angle_beta   101.57
_cell.angle_gamma   90.00
#
_symmetry.space_group_name_H-M   'P 1 21 1'
#
loop_
_entity.id
_entity.type
_entity.pdbx_description
1 polymer Ezrin
2 non-polymer 'SULFATE ION'
3 water water
#
_entity_poly.entity_id   1
_entity_poly.type   'polypeptide(L)'
_entity_poly.pdbx_seq_one_letter_code
;MPKPINVRVTTMDAELEFAIQPNTTGKQLFDQVVKTIGLREVWYFGLHYVDNKGFPTWLKLDKKVSAQEVRKENPLQFKF
RAKFYPEDVAEELIQDITQKLFFLQVKEGILSDEIYCPPETAVLLGSYAVQAKFGDYNKEVHKSGYLSSERLIPQRVMDQ
HKLTRDQWEDRIQVWHAEHRGMLKDNAMLEYLKIAQDLEMYGINYFEIKNKKGTDLWLGVDALGLNIYEKDDKLTPKIGF
PWSEIRNISFNDKKFVIKPIDKKAPDFVFYAPRLRINKRILQLCMGNHELYMRRRK
;
_entity_poly.pdbx_strand_id   A,B
#
loop_
_chem_comp.id
_chem_comp.type
_chem_comp.name
_chem_comp.formula
SO4 non-polymer 'SULFATE ION' 'O4 S -2'
#
# COMPACT_ATOMS: atom_id res chain seq x y z
N PRO A 2 -34.82 9.82 -12.97
CA PRO A 2 -34.00 10.81 -12.26
C PRO A 2 -32.57 10.95 -12.78
N LYS A 3 -31.86 11.92 -12.20
CA LYS A 3 -30.47 12.23 -12.58
C LYS A 3 -29.52 11.03 -12.40
N PRO A 4 -28.96 10.53 -13.53
CA PRO A 4 -28.08 9.37 -13.66
C PRO A 4 -26.77 9.56 -12.89
N ILE A 5 -26.33 8.46 -12.29
CA ILE A 5 -25.03 8.49 -11.63
C ILE A 5 -24.08 7.57 -12.38
N ASN A 6 -22.97 8.11 -12.87
CA ASN A 6 -22.04 7.30 -13.65
C ASN A 6 -21.14 6.50 -12.73
N VAL A 7 -21.03 5.21 -13.02
CA VAL A 7 -20.15 4.36 -12.22
C VAL A 7 -19.24 3.61 -13.13
N ARG A 8 -18.14 3.14 -12.55
CA ARG A 8 -17.23 2.32 -13.30
C ARG A 8 -16.84 1.18 -12.31
N VAL A 9 -16.94 -0.06 -12.77
CA VAL A 9 -16.57 -1.23 -11.97
C VAL A 9 -15.50 -1.99 -12.72
N THR A 10 -14.37 -2.29 -12.06
CA THR A 10 -13.41 -3.19 -12.67
C THR A 10 -13.43 -4.53 -11.95
N THR A 11 -13.16 -5.57 -12.72
CA THR A 11 -12.85 -6.90 -12.16
C THR A 11 -11.35 -7.00 -12.39
N MET A 12 -10.73 -8.14 -12.04
CA MET A 12 -9.28 -8.30 -12.25
C MET A 12 -8.83 -8.09 -13.70
N ASP A 13 -9.73 -8.29 -14.66
CA ASP A 13 -9.34 -8.13 -16.07
C ASP A 13 -10.30 -7.40 -16.99
N ALA A 14 -11.33 -6.76 -16.45
CA ALA A 14 -12.27 -6.00 -17.30
C ALA A 14 -12.75 -4.72 -16.62
N GLU A 15 -13.25 -3.74 -17.40
CA GLU A 15 -13.90 -2.56 -16.82
C GLU A 15 -15.32 -2.41 -17.37
N LEU A 16 -16.25 -2.05 -16.51
CA LEU A 16 -17.65 -1.87 -16.92
C LEU A 16 -18.03 -0.47 -16.58
N GLU A 17 -18.74 0.20 -17.49
CA GLU A 17 -19.09 1.59 -17.26
C GLU A 17 -20.54 1.75 -17.61
N PHE A 18 -21.35 2.19 -16.65
CA PHE A 18 -22.79 2.37 -16.91
C PHE A 18 -23.38 3.29 -15.86
N ALA A 19 -24.65 3.63 -15.98
CA ALA A 19 -25.22 4.58 -15.05
C ALA A 19 -26.28 3.96 -14.15
N ILE A 20 -26.38 4.47 -12.95
CA ILE A 20 -27.37 3.98 -12.02
C ILE A 20 -28.20 5.16 -11.55
N GLN A 21 -29.15 4.93 -10.67
CA GLN A 21 -30.05 5.98 -10.26
C GLN A 21 -29.81 6.20 -8.79
N PRO A 22 -30.25 7.34 -8.25
CA PRO A 22 -30.24 7.60 -6.81
C PRO A 22 -30.85 6.48 -5.97
N ASN A 23 -31.86 5.78 -6.47
CA ASN A 23 -32.45 4.72 -5.65
C ASN A 23 -31.75 3.35 -5.77
N THR A 24 -30.83 3.23 -6.73
CA THR A 24 -30.15 1.94 -6.96
C THR A 24 -29.46 1.43 -5.71
N THR A 25 -29.75 0.19 -5.31
CA THR A 25 -29.09 -0.41 -4.16
C THR A 25 -27.78 -1.09 -4.55
N GLY A 26 -26.93 -1.33 -3.56
CA GLY A 26 -25.71 -2.09 -3.81
C GLY A 26 -26.00 -3.43 -4.45
N LYS A 27 -27.08 -4.08 -4.01
CA LYS A 27 -27.41 -5.41 -4.56
C LYS A 27 -27.76 -5.30 -6.04
N GLN A 28 -28.52 -4.26 -6.40
CA GLN A 28 -28.88 -4.01 -7.78
C GLN A 28 -27.63 -3.73 -8.65
N LEU A 29 -26.71 -2.92 -8.14
CA LEU A 29 -25.45 -2.68 -8.85
C LEU A 29 -24.62 -4.00 -9.00
N PHE A 30 -24.43 -4.70 -7.89
CA PHE A 30 -23.74 -6.00 -7.89
C PHE A 30 -24.36 -6.95 -8.92
N ASP A 31 -25.68 -7.03 -8.88
CA ASP A 31 -26.42 -7.92 -9.80
C ASP A 31 -26.17 -7.59 -11.24
N GLN A 32 -26.16 -6.29 -11.57
CA GLN A 32 -25.82 -5.87 -12.91
C GLN A 32 -24.40 -6.29 -13.33
N VAL A 33 -23.45 -6.11 -12.42
CA VAL A 33 -22.07 -6.53 -12.68
C VAL A 33 -21.93 -8.05 -12.97
N VAL A 34 -22.44 -8.87 -12.09
CA VAL A 34 -22.22 -10.32 -12.25
C VAL A 34 -22.93 -10.85 -13.48
N LYS A 35 -24.11 -10.30 -13.77
CA LYS A 35 -24.84 -10.75 -14.93
C LYS A 35 -24.10 -10.33 -16.19
N THR A 36 -23.52 -9.14 -16.19
CA THR A 36 -22.77 -8.68 -17.34
C THR A 36 -21.56 -9.57 -17.66
N ILE A 37 -20.85 -10.02 -16.63
CA ILE A 37 -19.68 -10.87 -16.86
C ILE A 37 -20.01 -12.36 -16.92
N GLY A 38 -21.27 -12.70 -16.63
CA GLY A 38 -21.71 -14.09 -16.66
C GLY A 38 -21.22 -14.93 -15.47
N LEU A 39 -21.04 -14.28 -14.34
CA LEU A 39 -20.63 -14.95 -13.10
C LEU A 39 -21.81 -15.26 -12.18
N ARG A 40 -21.94 -16.54 -11.77
CA ARG A 40 -23.06 -16.99 -10.95
C ARG A 40 -22.67 -17.47 -9.58
N GLU A 41 -21.37 -17.69 -9.38
CA GLU A 41 -20.89 -18.02 -8.05
C GLU A 41 -20.69 -16.77 -7.20
N VAL A 42 -21.80 -16.08 -6.95
CA VAL A 42 -21.74 -14.74 -6.38
C VAL A 42 -21.37 -14.67 -4.92
N TRP A 43 -21.44 -15.81 -4.22
CA TRP A 43 -21.26 -15.83 -2.77
C TRP A 43 -19.81 -15.42 -2.33
N TYR A 44 -18.83 -15.58 -3.21
CA TYR A 44 -17.44 -15.21 -2.87
C TYR A 44 -17.15 -13.72 -2.97
N PHE A 45 -18.01 -12.99 -3.71
CA PHE A 45 -17.59 -11.68 -4.21
C PHE A 45 -18.29 -10.48 -3.62
N GLY A 46 -17.67 -9.31 -3.80
CA GLY A 46 -18.28 -8.07 -3.37
C GLY A 46 -17.75 -6.91 -4.21
N LEU A 47 -18.20 -5.71 -3.89
CA LEU A 47 -17.74 -4.51 -4.57
C LEU A 47 -17.11 -3.66 -3.53
N HIS A 48 -15.88 -3.24 -3.75
CA HIS A 48 -15.31 -2.23 -2.82
C HIS A 48 -15.02 -0.91 -3.51
N TYR A 49 -14.93 0.13 -2.69
CA TYR A 49 -14.82 1.51 -3.14
C TYR A 49 -13.99 2.30 -2.10
N VAL A 50 -13.53 3.48 -2.49
CA VAL A 50 -12.84 4.36 -1.56
C VAL A 50 -13.83 5.36 -1.03
N ASP A 51 -13.99 5.41 0.30
CA ASP A 51 -14.96 6.35 0.88
C ASP A 51 -14.48 7.80 0.83
N ASN A 52 -15.31 8.71 1.31
CA ASN A 52 -15.00 10.15 1.21
C ASN A 52 -13.77 10.54 2.04
N LYS A 53 -13.39 9.68 2.97
CA LYS A 53 -12.19 9.89 3.82
C LYS A 53 -10.97 9.16 3.27
N GLY A 54 -11.12 8.46 2.16
CA GLY A 54 -10.01 7.78 1.52
C GLY A 54 -9.82 6.31 1.92
N PHE A 55 -10.74 5.76 2.71
CA PHE A 55 -10.64 4.38 3.16
C PHE A 55 -11.37 3.36 2.29
N PRO A 56 -10.65 2.32 1.84
CA PRO A 56 -11.30 1.24 1.10
C PRO A 56 -12.38 0.63 1.97
N THR A 57 -13.56 0.40 1.36
CA THR A 57 -14.75 0.01 2.07
C THR A 57 -15.52 -0.97 1.19
N TRP A 58 -16.17 -1.96 1.80
CA TRP A 58 -17.05 -2.85 1.06
C TRP A 58 -18.44 -2.22 0.96
N LEU A 59 -19.05 -2.35 -0.21
CA LEU A 59 -20.35 -1.78 -0.49
C LEU A 59 -21.42 -2.61 0.19
N LYS A 60 -22.36 -1.95 0.89
CA LYS A 60 -23.42 -2.70 1.53
C LYS A 60 -24.51 -2.92 0.50
N LEU A 61 -24.96 -4.16 0.35
CA LEU A 61 -25.88 -4.48 -0.75
C LEU A 61 -27.32 -4.07 -0.47
N ASP A 62 -27.70 -4.06 0.80
CA ASP A 62 -29.06 -3.69 1.16
C ASP A 62 -29.14 -2.22 1.58
N LYS A 63 -28.51 -1.37 0.78
CA LYS A 63 -28.42 0.04 1.08
C LYS A 63 -28.17 0.75 -0.24
N LYS A 64 -28.78 1.92 -0.40
CA LYS A 64 -28.62 2.67 -1.64
C LYS A 64 -27.17 3.02 -1.84
N VAL A 65 -26.72 2.90 -3.08
CA VAL A 65 -25.33 3.22 -3.35
C VAL A 65 -25.09 4.68 -2.96
N SER A 66 -26.06 5.54 -3.29
CA SER A 66 -25.94 6.96 -3.04
C SER A 66 -25.91 7.32 -1.56
N ALA A 67 -26.31 6.39 -0.70
CA ALA A 67 -26.30 6.67 0.73
C ALA A 67 -25.06 6.18 1.48
N GLN A 68 -23.98 5.86 0.77
CA GLN A 68 -22.87 5.18 1.44
C GLN A 68 -21.50 5.88 1.48
N GLU A 69 -21.46 7.16 1.13
CA GLU A 69 -20.22 7.94 1.26
C GLU A 69 -19.08 7.46 0.35
N VAL A 70 -19.44 7.01 -0.83
CA VAL A 70 -18.47 6.71 -1.88
C VAL A 70 -17.76 8.01 -2.23
N ARG A 71 -16.44 7.96 -2.45
CA ARG A 71 -15.73 9.18 -2.83
C ARG A 71 -16.42 9.83 -4.02
N LYS A 72 -16.75 11.11 -3.89
CA LYS A 72 -17.54 11.74 -4.91
C LYS A 72 -16.68 12.11 -6.11
N GLU A 73 -16.99 11.48 -7.22
CA GLU A 73 -16.23 11.70 -8.45
C GLU A 73 -17.01 11.10 -9.57
N ASN A 74 -16.60 11.35 -10.81
CA ASN A 74 -17.43 11.09 -11.96
C ASN A 74 -16.52 10.40 -12.95
N PRO A 75 -16.63 9.06 -13.06
CA PRO A 75 -17.61 8.17 -12.41
C PRO A 75 -17.25 7.72 -10.96
N LEU A 76 -18.22 7.17 -10.23
CA LEU A 76 -17.91 6.50 -8.98
C LEU A 76 -17.07 5.30 -9.36
N GLN A 77 -16.10 4.91 -8.51
CA GLN A 77 -15.18 3.80 -8.83
C GLN A 77 -15.40 2.65 -7.87
N PHE A 78 -15.72 1.47 -8.44
CA PHE A 78 -15.85 0.21 -7.66
C PHE A 78 -14.92 -0.87 -8.21
N LYS A 79 -14.41 -1.70 -7.30
CA LYS A 79 -13.62 -2.88 -7.70
C LYS A 79 -14.39 -4.13 -7.29
N PHE A 80 -14.61 -5.01 -8.25
CA PHE A 80 -15.33 -6.25 -8.02
C PHE A 80 -14.23 -7.26 -7.70
N ARG A 81 -14.27 -7.80 -6.47
CA ARG A 81 -13.19 -8.69 -6.01
C ARG A 81 -13.75 -9.82 -5.14
N ALA A 82 -12.97 -10.91 -5.02
CA ALA A 82 -13.33 -11.93 -4.02
C ALA A 82 -13.14 -11.39 -2.60
N LYS A 83 -14.17 -11.54 -1.79
CA LYS A 83 -14.13 -11.23 -0.37
C LYS A 83 -13.93 -12.50 0.47
N PHE A 84 -14.38 -13.64 -0.06
CA PHE A 84 -14.29 -14.95 0.62
C PHE A 84 -13.65 -15.96 -0.32
N TYR A 85 -12.90 -16.92 0.24
CA TYR A 85 -12.16 -17.92 -0.52
C TYR A 85 -12.76 -19.30 -0.22
N PRO A 86 -12.77 -20.19 -1.19
CA PRO A 86 -13.27 -21.54 -0.84
C PRO A 86 -12.29 -22.25 0.10
N GLU A 87 -12.70 -23.36 0.71
CA GLU A 87 -11.74 -24.14 1.51
C GLU A 87 -10.84 -24.95 0.63
N ASP A 88 -11.38 -25.42 -0.49
CA ASP A 88 -10.53 -26.02 -1.51
C ASP A 88 -10.98 -25.67 -2.92
N VAL A 89 -10.13 -24.87 -3.59
CA VAL A 89 -10.43 -24.37 -4.90
CA VAL A 89 -10.40 -24.38 -4.92
C VAL A 89 -10.66 -25.48 -5.94
N ALA A 90 -9.94 -26.59 -5.82
CA ALA A 90 -10.04 -27.67 -6.81
C ALA A 90 -11.39 -28.38 -6.78
N GLU A 91 -11.98 -28.48 -5.61
CA GLU A 91 -13.27 -29.17 -5.53
C GLU A 91 -14.49 -28.24 -5.57
N GLU A 92 -14.33 -26.96 -5.22
CA GLU A 92 -15.47 -26.04 -5.05
C GLU A 92 -15.76 -25.13 -6.22
N LEU A 93 -14.75 -24.57 -6.86
CA LEU A 93 -15.08 -23.60 -7.92
C LEU A 93 -15.66 -24.30 -9.14
N ILE A 94 -16.72 -23.71 -9.68
CA ILE A 94 -17.48 -24.34 -10.76
C ILE A 94 -17.17 -23.75 -12.15
N GLN A 95 -17.13 -22.42 -12.26
CA GLN A 95 -17.00 -21.77 -13.55
C GLN A 95 -15.58 -21.35 -13.89
N ASP A 96 -15.28 -21.32 -15.18
CA ASP A 96 -13.99 -20.84 -15.65
C ASP A 96 -13.79 -19.39 -15.24
N ILE A 97 -14.87 -18.58 -15.32
CA ILE A 97 -14.75 -17.15 -14.96
C ILE A 97 -14.36 -16.97 -13.50
N THR A 98 -15.01 -17.70 -12.60
CA THR A 98 -14.73 -17.58 -11.18
C THR A 98 -13.30 -17.98 -10.92
N GLN A 99 -12.90 -19.09 -11.53
CA GLN A 99 -11.56 -19.61 -11.33
C GLN A 99 -10.51 -18.59 -11.79
N LYS A 100 -10.77 -17.96 -12.93
CA LYS A 100 -9.91 -16.94 -13.51
C LYS A 100 -9.80 -15.74 -12.57
N LEU A 101 -10.94 -15.25 -12.09
CA LEU A 101 -10.87 -14.08 -11.20
C LEU A 101 -10.16 -14.38 -9.86
N PHE A 102 -10.35 -15.57 -9.30
CA PHE A 102 -9.50 -15.97 -8.15
C PHE A 102 -8.02 -16.05 -8.53
N PHE A 103 -7.70 -16.64 -9.69
CA PHE A 103 -6.29 -16.80 -10.08
C PHE A 103 -5.63 -15.40 -10.17
N LEU A 104 -6.29 -14.48 -10.86
CA LEU A 104 -5.74 -13.14 -11.06
C LEU A 104 -5.59 -12.40 -9.75
N GLN A 105 -6.59 -12.51 -8.88
CA GLN A 105 -6.54 -11.81 -7.61
C GLN A 105 -5.48 -12.39 -6.64
N VAL A 106 -5.36 -13.71 -6.60
CA VAL A 106 -4.34 -14.30 -5.72
C VAL A 106 -2.95 -13.99 -6.26
N LYS A 107 -2.79 -14.12 -7.57
CA LYS A 107 -1.50 -13.81 -8.18
C LYS A 107 -1.08 -12.37 -7.90
N GLU A 108 -2.04 -11.46 -7.95
CA GLU A 108 -1.76 -10.08 -7.56
C GLU A 108 -1.24 -9.97 -6.13
N GLY A 109 -1.85 -10.69 -5.20
CA GLY A 109 -1.38 -10.62 -3.82
C GLY A 109 0.02 -11.25 -3.61
N ILE A 110 0.33 -12.29 -4.38
CA ILE A 110 1.67 -12.92 -4.31
C ILE A 110 2.72 -11.96 -4.92
N LEU A 111 2.40 -11.37 -6.07
CA LEU A 111 3.36 -10.53 -6.78
C LEU A 111 3.54 -9.19 -6.13
N SER A 112 2.58 -8.81 -5.30
CA SER A 112 2.73 -7.58 -4.53
C SER A 112 3.38 -7.77 -3.15
N ASP A 113 3.84 -9.00 -2.86
CA ASP A 113 4.41 -9.39 -1.57
C ASP A 113 3.43 -9.38 -0.39
N GLU A 114 2.14 -9.30 -0.64
CA GLU A 114 1.19 -9.35 0.48
C GLU A 114 1.11 -10.74 1.06
N ILE A 115 1.27 -11.72 0.18
CA ILE A 115 1.16 -13.13 0.55
C ILE A 115 2.60 -13.67 0.47
N TYR A 116 3.25 -13.84 1.61
CA TYR A 116 4.59 -14.46 1.66
C TYR A 116 4.65 -15.71 0.77
N CYS A 117 5.70 -15.79 -0.04
CA CYS A 117 5.91 -16.95 -0.90
C CYS A 117 7.41 -17.30 -0.90
N PRO A 118 7.77 -18.54 -0.56
CA PRO A 118 9.20 -18.84 -0.58
C PRO A 118 9.69 -18.95 -2.05
N PRO A 119 11.01 -18.88 -2.26
CA PRO A 119 11.50 -18.77 -3.65
C PRO A 119 11.11 -19.90 -4.58
N GLU A 120 11.21 -21.14 -4.14
CA GLU A 120 10.97 -22.24 -5.04
C GLU A 120 9.47 -22.26 -5.40
N THR A 121 8.64 -21.91 -4.44
CA THR A 121 7.21 -21.82 -4.74
C THR A 121 6.91 -20.69 -5.74
N ALA A 122 7.62 -19.57 -5.61
CA ALA A 122 7.45 -18.45 -6.53
C ALA A 122 7.77 -18.86 -7.97
N VAL A 123 8.87 -19.58 -8.12
CA VAL A 123 9.22 -20.14 -9.44
C VAL A 123 8.15 -21.10 -10.00
N LEU A 124 7.60 -21.98 -9.17
CA LEU A 124 6.61 -22.94 -9.68
C LEU A 124 5.35 -22.16 -10.06
N LEU A 125 4.91 -21.30 -9.17
CA LEU A 125 3.78 -20.42 -9.46
C LEU A 125 3.95 -19.61 -10.75
N GLY A 126 5.07 -18.93 -10.89
CA GLY A 126 5.38 -18.19 -12.10
C GLY A 126 5.33 -19.04 -13.34
N SER A 127 5.77 -20.28 -13.23
CA SER A 127 5.72 -21.17 -14.40
C SER A 127 4.30 -21.47 -14.85
N TYR A 128 3.37 -21.59 -13.91
CA TYR A 128 1.98 -21.80 -14.28
C TYR A 128 1.37 -20.51 -14.85
N ALA A 129 1.71 -19.37 -14.26
CA ALA A 129 1.18 -18.10 -14.76
C ALA A 129 1.65 -17.88 -16.19
N VAL A 130 2.86 -18.32 -16.47
CA VAL A 130 3.46 -18.16 -17.79
C VAL A 130 2.78 -19.10 -18.76
N GLN A 131 2.50 -20.32 -18.30
CA GLN A 131 1.78 -21.28 -19.13
C GLN A 131 0.37 -20.80 -19.42
N ALA A 132 -0.27 -20.19 -18.44
CA ALA A 132 -1.60 -19.61 -18.68
C ALA A 132 -1.55 -18.48 -19.70
N LYS A 133 -0.54 -17.62 -19.63
CA LYS A 133 -0.50 -16.42 -20.47
C LYS A 133 0.08 -16.64 -21.85
N PHE A 134 1.10 -17.48 -21.94
CA PHE A 134 1.82 -17.67 -23.20
C PHE A 134 1.47 -18.96 -23.90
N GLY A 135 0.83 -19.88 -23.19
CA GLY A 135 0.63 -21.21 -23.76
C GLY A 135 1.93 -21.99 -23.70
N ASP A 136 2.00 -23.06 -24.48
CA ASP A 136 3.15 -23.97 -24.47
C ASP A 136 4.45 -23.23 -24.75
N TYR A 137 5.51 -23.65 -24.05
CA TYR A 137 6.84 -23.17 -24.38
C TYR A 137 7.14 -23.44 -25.85
N ASN A 138 7.65 -22.42 -26.54
CA ASN A 138 7.92 -22.50 -27.96
C ASN A 138 9.28 -21.88 -28.27
N LYS A 139 10.30 -22.74 -28.37
CA LYS A 139 11.65 -22.39 -28.81
C LYS A 139 11.68 -21.35 -29.94
N GLU A 140 10.74 -21.49 -30.87
CA GLU A 140 10.66 -20.64 -32.05
C GLU A 140 10.36 -19.18 -31.73
N VAL A 141 9.53 -18.94 -30.72
CA VAL A 141 9.11 -17.57 -30.42
C VAL A 141 9.43 -17.15 -28.98
N HIS A 142 9.54 -18.12 -28.08
CA HIS A 142 9.96 -17.82 -26.72
C HIS A 142 11.47 -17.95 -26.59
N LYS A 143 12.17 -17.03 -27.23
CA LYS A 143 13.63 -17.02 -27.14
C LYS A 143 14.07 -16.26 -25.91
N SER A 144 15.37 -16.26 -25.63
CA SER A 144 15.88 -15.66 -24.40
C SER A 144 15.34 -14.25 -24.15
N GLY A 145 14.88 -14.02 -22.93
CA GLY A 145 14.26 -12.76 -22.59
C GLY A 145 12.78 -12.67 -22.95
N TYR A 146 12.19 -13.77 -23.40
CA TYR A 146 10.75 -13.74 -23.68
C TYR A 146 9.97 -13.39 -22.40
N LEU A 147 10.59 -13.60 -21.25
CA LEU A 147 9.92 -13.28 -20.00
C LEU A 147 10.35 -11.91 -19.46
N SER A 148 11.01 -11.12 -20.30
CA SER A 148 11.67 -9.89 -19.87
C SER A 148 10.75 -8.81 -19.29
N SER A 149 9.54 -8.70 -19.82
CA SER A 149 8.63 -7.62 -19.42
C SER A 149 7.54 -8.10 -18.45
N GLU A 150 7.67 -9.34 -18.01
CA GLU A 150 6.72 -9.94 -17.08
C GLU A 150 7.09 -9.67 -15.62
N ARG A 151 6.10 -9.34 -14.79
CA ARG A 151 6.29 -9.45 -13.36
C ARG A 151 6.03 -10.93 -13.08
N LEU A 152 7.09 -11.62 -12.69
CA LEU A 152 7.10 -13.07 -12.55
C LEU A 152 7.22 -13.52 -11.10
N ILE A 153 8.04 -12.79 -10.34
CA ILE A 153 8.50 -13.17 -9.02
C ILE A 153 8.23 -12.02 -8.06
N PRO A 154 7.83 -12.33 -6.82
CA PRO A 154 7.63 -11.21 -5.87
C PRO A 154 8.95 -10.48 -5.61
N GLN A 155 8.90 -9.17 -5.47
CA GLN A 155 10.10 -8.37 -5.35
C GLN A 155 10.89 -8.78 -4.11
N ARG A 156 10.18 -9.03 -3.01
CA ARG A 156 10.86 -9.47 -1.80
C ARG A 156 11.68 -10.74 -2.00
N VAL A 157 11.23 -11.61 -2.89
CA VAL A 157 11.99 -12.82 -3.24
C VAL A 157 13.24 -12.43 -4.03
N MET A 158 13.06 -11.65 -5.09
CA MET A 158 14.22 -11.11 -5.79
C MET A 158 15.21 -10.45 -4.81
N ASP A 159 14.70 -9.71 -3.82
CA ASP A 159 15.57 -8.98 -2.89
C ASP A 159 16.37 -9.84 -1.91
N GLN A 160 15.79 -10.94 -1.43
CA GLN A 160 16.48 -11.75 -0.44
C GLN A 160 17.38 -12.79 -1.09
N HIS A 161 17.63 -12.68 -2.40
CA HIS A 161 18.58 -13.60 -3.05
C HIS A 161 19.58 -12.98 -4.01
N LYS A 162 20.50 -13.83 -4.44
CA LYS A 162 21.63 -13.38 -5.23
C LYS A 162 21.43 -13.64 -6.71
N LEU A 163 20.30 -14.24 -7.07
CA LEU A 163 20.01 -14.45 -8.48
C LEU A 163 19.66 -13.12 -9.15
N THR A 164 19.92 -13.02 -10.45
CA THR A 164 19.56 -11.84 -11.22
C THR A 164 18.17 -12.07 -11.85
N ARG A 165 17.58 -11.03 -12.43
CA ARG A 165 16.30 -11.16 -13.14
C ARG A 165 16.38 -12.29 -14.15
N ASP A 166 17.44 -12.24 -14.96
CA ASP A 166 17.68 -13.23 -16.00
C ASP A 166 17.74 -14.67 -15.50
N GLN A 167 18.36 -14.87 -14.34
CA GLN A 167 18.50 -16.20 -13.79
C GLN A 167 17.17 -16.75 -13.25
N TRP A 168 16.38 -15.88 -12.63
CA TRP A 168 15.00 -16.22 -12.25
C TRP A 168 14.19 -16.66 -13.47
N GLU A 169 14.31 -15.91 -14.57
CA GLU A 169 13.65 -16.28 -15.81
C GLU A 169 14.00 -17.68 -16.31
N ASP A 170 15.29 -18.01 -16.25
CA ASP A 170 15.77 -19.33 -16.64
C ASP A 170 15.15 -20.45 -15.81
N ARG A 171 15.00 -20.20 -14.53
CA ARG A 171 14.43 -21.21 -13.67
C ARG A 171 12.95 -21.40 -14.02
N ILE A 172 12.29 -20.29 -14.29
CA ILE A 172 10.86 -20.38 -14.64
C ILE A 172 10.69 -21.11 -15.96
N GLN A 173 11.60 -20.85 -16.90
CA GLN A 173 11.53 -21.46 -18.23
C GLN A 173 11.61 -22.96 -18.18
N VAL A 174 12.53 -23.49 -17.37
CA VAL A 174 12.65 -24.93 -17.20
C VAL A 174 11.30 -25.53 -16.79
N TRP A 175 10.62 -24.91 -15.82
CA TRP A 175 9.31 -25.40 -15.39
C TRP A 175 8.23 -25.17 -16.43
N HIS A 176 8.28 -24.02 -17.10
CA HIS A 176 7.34 -23.72 -18.20
C HIS A 176 7.41 -24.83 -19.26
N ALA A 177 8.62 -25.25 -19.64
CA ALA A 177 8.76 -26.35 -20.59
C ALA A 177 8.08 -27.65 -20.12
N GLU A 178 8.01 -27.87 -18.81
CA GLU A 178 7.41 -29.13 -18.31
C GLU A 178 5.91 -29.16 -18.46
N HIS A 179 5.27 -28.00 -18.55
CA HIS A 179 3.82 -27.92 -18.60
C HIS A 179 3.20 -28.11 -20.00
N ARG A 180 4.00 -28.50 -20.97
CA ARG A 180 3.54 -28.53 -22.36
C ARG A 180 2.21 -29.31 -22.54
N GLY A 181 1.31 -28.71 -23.32
CA GLY A 181 -0.02 -29.23 -23.54
C GLY A 181 -1.08 -28.77 -22.54
N MET A 182 -0.66 -28.14 -21.45
CA MET A 182 -1.58 -27.71 -20.40
C MET A 182 -2.44 -26.53 -20.85
N LEU A 183 -3.76 -26.72 -20.85
CA LEU A 183 -4.72 -25.69 -21.22
C LEU A 183 -4.70 -24.55 -20.21
N LYS A 184 -5.00 -23.33 -20.68
CA LYS A 184 -4.99 -22.15 -19.81
C LYS A 184 -5.77 -22.29 -18.49
N ASP A 185 -6.98 -22.79 -18.56
CA ASP A 185 -7.78 -22.94 -17.34
C ASP A 185 -7.14 -23.92 -16.36
N ASN A 186 -6.58 -24.99 -16.89
CA ASN A 186 -5.91 -25.91 -15.99
C ASN A 186 -4.62 -25.35 -15.34
N ALA A 187 -3.88 -24.50 -16.07
CA ALA A 187 -2.70 -23.82 -15.51
C ALA A 187 -3.13 -22.89 -14.38
N MET A 188 -4.24 -22.18 -14.58
CA MET A 188 -4.74 -21.30 -13.53
C MET A 188 -5.15 -22.12 -12.30
N LEU A 189 -5.76 -23.27 -12.53
CA LEU A 189 -6.16 -24.09 -11.41
C LEU A 189 -4.93 -24.63 -10.67
N GLU A 190 -3.91 -25.04 -11.39
CA GLU A 190 -2.76 -25.61 -10.75
C GLU A 190 -2.06 -24.54 -9.92
N TYR A 191 -2.00 -23.33 -10.46
CA TYR A 191 -1.48 -22.15 -9.75
C TYR A 191 -2.21 -21.99 -8.40
N LEU A 192 -3.55 -21.99 -8.45
CA LEU A 192 -4.31 -21.79 -7.22
C LEU A 192 -4.13 -22.97 -6.21
N LYS A 193 -3.97 -24.18 -6.72
CA LYS A 193 -3.71 -25.31 -5.82
C LYS A 193 -2.42 -25.12 -4.99
N ILE A 194 -1.39 -24.60 -5.65
CA ILE A 194 -0.12 -24.30 -4.94
C ILE A 194 -0.27 -23.11 -3.99
N ALA A 195 -0.97 -22.07 -4.43
CA ALA A 195 -1.03 -20.83 -3.62
C ALA A 195 -1.82 -21.12 -2.37
N GLN A 196 -2.79 -22.03 -2.52
CA GLN A 196 -3.69 -22.39 -1.42
C GLN A 196 -2.92 -22.93 -0.23
N ASP A 197 -1.79 -23.57 -0.53
CA ASP A 197 -0.95 -24.20 0.49
C ASP A 197 -0.06 -23.16 1.23
N LEU A 198 0.00 -21.91 0.73
CA LEU A 198 0.85 -20.90 1.36
C LEU A 198 0.24 -20.53 2.68
N GLU A 199 1.08 -20.36 3.69
CA GLU A 199 0.59 -20.05 5.03
C GLU A 199 -0.29 -18.79 5.16
N MET A 200 -0.02 -17.77 4.34
CA MET A 200 -0.80 -16.53 4.44
C MET A 200 -1.98 -16.49 3.49
N TYR A 201 -2.18 -17.55 2.72
CA TYR A 201 -3.25 -17.55 1.73
C TYR A 201 -4.60 -17.41 2.36
N GLY A 202 -5.44 -16.55 1.76
CA GLY A 202 -6.83 -16.46 2.14
C GLY A 202 -7.11 -15.89 3.52
N ILE A 203 -6.10 -15.26 4.12
CA ILE A 203 -6.29 -14.75 5.47
C ILE A 203 -6.40 -13.20 5.46
N ASN A 204 -7.42 -12.64 6.13
N ASN A 204 -7.37 -12.68 6.21
CA ASN A 204 -7.38 -11.23 6.49
CA ASN A 204 -7.49 -11.26 6.53
C ASN A 204 -6.79 -11.09 7.87
C ASN A 204 -6.92 -10.95 7.92
N TYR A 205 -5.81 -10.20 7.97
CA TYR A 205 -5.13 -9.92 9.22
C TYR A 205 -5.53 -8.57 9.77
N PHE A 206 -5.62 -8.51 11.11
CA PHE A 206 -6.05 -7.33 11.85
C PHE A 206 -5.19 -7.17 13.07
N GLU A 207 -4.82 -5.92 13.36
CA GLU A 207 -4.10 -5.67 14.60
C GLU A 207 -5.02 -5.74 15.81
N ILE A 208 -4.62 -6.47 16.84
CA ILE A 208 -5.42 -6.63 18.03
C ILE A 208 -4.53 -6.67 19.27
N LYS A 209 -5.16 -6.61 20.43
CA LYS A 209 -4.45 -6.79 21.69
C LYS A 209 -5.24 -7.73 22.58
N ASN A 210 -4.55 -8.49 23.43
CA ASN A 210 -5.23 -9.26 24.45
C ASN A 210 -5.44 -8.39 25.68
N LYS A 211 -6.05 -8.94 26.72
CA LYS A 211 -6.33 -8.14 27.91
C LYS A 211 -5.05 -7.69 28.59
N LYS A 212 -4.02 -8.52 28.49
CA LYS A 212 -2.70 -8.14 28.99
C LYS A 212 -2.12 -6.95 28.23
N GLY A 213 -2.65 -6.68 27.04
CA GLY A 213 -2.20 -5.56 26.24
C GLY A 213 -1.12 -5.98 25.26
N THR A 214 -0.91 -7.28 25.13
CA THR A 214 0.09 -7.74 24.19
C THR A 214 -0.45 -7.48 22.79
N ASP A 215 0.40 -6.94 21.91
CA ASP A 215 0.06 -6.77 20.51
C ASP A 215 0.09 -8.09 19.80
N LEU A 216 -0.98 -8.39 19.06
CA LEU A 216 -1.06 -9.63 18.31
C LEU A 216 -1.69 -9.33 16.97
N TRP A 217 -1.80 -10.35 16.14
CA TRP A 217 -2.63 -10.27 14.94
C TRP A 217 -3.79 -11.26 15.06
N LEU A 218 -4.95 -10.85 14.52
CA LEU A 218 -6.05 -11.77 14.30
C LEU A 218 -6.04 -12.08 12.84
N GLY A 219 -6.16 -13.36 12.52
CA GLY A 219 -6.41 -13.75 11.17
C GLY A 219 -7.82 -14.32 11.03
N VAL A 220 -8.55 -13.91 9.99
CA VAL A 220 -9.88 -14.46 9.73
C VAL A 220 -9.82 -15.14 8.39
N ASP A 221 -10.23 -16.40 8.33
CA ASP A 221 -10.25 -17.08 7.03
C ASP A 221 -11.40 -18.11 6.93
N ALA A 222 -11.45 -18.85 5.82
CA ALA A 222 -12.57 -19.74 5.48
C ALA A 222 -12.71 -20.83 6.51
N LEU A 223 -11.64 -21.08 7.28
CA LEU A 223 -11.61 -22.21 8.22
C LEU A 223 -11.86 -21.80 9.66
N GLY A 224 -11.62 -20.53 9.99
CA GLY A 224 -11.83 -20.10 11.37
C GLY A 224 -11.00 -18.88 11.73
N LEU A 225 -10.75 -18.68 13.03
CA LEU A 225 -9.91 -17.58 13.49
C LEU A 225 -8.55 -18.07 13.95
N ASN A 226 -7.55 -17.21 13.81
CA ASN A 226 -6.20 -17.56 14.30
C ASN A 226 -5.60 -16.38 15.03
N ILE A 227 -4.85 -16.65 16.09
CA ILE A 227 -4.17 -15.59 16.82
C ILE A 227 -2.67 -15.75 16.58
N TYR A 228 -2.00 -14.67 16.17
CA TYR A 228 -0.58 -14.73 15.84
C TYR A 228 0.20 -13.76 16.72
N GLU A 229 1.46 -14.09 17.02
CA GLU A 229 2.33 -13.13 17.68
C GLU A 229 2.69 -12.02 16.69
N LYS A 230 2.98 -10.81 17.18
CA LYS A 230 3.04 -9.67 16.26
C LYS A 230 4.15 -9.88 15.26
N ASP A 231 5.20 -10.60 15.64
CA ASP A 231 6.31 -10.74 14.70
C ASP A 231 6.26 -11.94 13.77
N ASP A 232 5.14 -12.66 13.71
CA ASP A 232 5.11 -13.88 12.90
C ASP A 232 3.71 -14.14 12.38
N LYS A 233 3.44 -13.71 11.16
CA LYS A 233 2.10 -13.88 10.55
C LYS A 233 1.93 -15.27 9.93
N LEU A 234 2.97 -16.09 10.06
CA LEU A 234 2.98 -17.36 9.35
C LEU A 234 2.41 -18.47 10.21
N THR A 235 2.79 -18.49 11.47
CA THR A 235 2.41 -19.59 12.35
C THR A 235 1.50 -19.15 13.48
N PRO A 236 0.21 -19.56 13.42
CA PRO A 236 -0.68 -19.19 14.51
C PRO A 236 -0.22 -19.75 15.85
N LYS A 237 -0.45 -18.95 16.88
CA LYS A 237 -0.23 -19.34 18.26
C LYS A 237 -1.42 -20.13 18.79
N ILE A 238 -2.62 -19.70 18.42
CA ILE A 238 -3.88 -20.27 18.86
C ILE A 238 -4.83 -20.26 17.66
N GLY A 239 -5.55 -21.36 17.45
CA GLY A 239 -6.51 -21.46 16.37
C GLY A 239 -7.91 -21.76 16.90
N PHE A 240 -8.90 -21.12 16.29
CA PHE A 240 -10.29 -21.34 16.63
C PHE A 240 -11.07 -21.67 15.36
N PRO A 241 -11.11 -22.96 14.97
CA PRO A 241 -11.91 -23.41 13.81
C PRO A 241 -13.38 -22.94 13.93
N TRP A 242 -14.04 -22.73 12.79
CA TRP A 242 -15.44 -22.32 12.85
C TRP A 242 -16.27 -23.38 13.56
N SER A 243 -15.88 -24.64 13.42
CA SER A 243 -16.59 -25.74 14.10
C SER A 243 -16.56 -25.62 15.61
N GLU A 244 -15.61 -24.86 16.14
CA GLU A 244 -15.41 -24.79 17.59
C GLU A 244 -15.96 -23.51 18.20
N ILE A 245 -16.54 -22.65 17.38
CA ILE A 245 -17.02 -21.36 17.88
C ILE A 245 -18.55 -21.31 18.03
N ARG A 246 -19.01 -21.17 19.27
CA ARG A 246 -20.43 -21.04 19.57
C ARG A 246 -20.90 -19.65 19.12
N ASN A 247 -20.11 -18.65 19.46
CA ASN A 247 -20.52 -17.27 19.27
C ASN A 247 -19.35 -16.29 19.37
N ILE A 248 -19.40 -15.23 18.58
CA ILE A 248 -18.45 -14.15 18.73
C ILE A 248 -19.21 -12.88 18.97
N SER A 249 -19.13 -12.41 20.21
CA SER A 249 -19.85 -11.21 20.59
C SER A 249 -18.97 -10.02 20.26
N PHE A 250 -19.61 -8.93 19.89
N PHE A 250 -19.60 -8.94 19.83
CA PHE A 250 -18.90 -7.72 19.52
CA PHE A 250 -18.89 -7.71 19.53
C PHE A 250 -19.50 -6.54 20.30
C PHE A 250 -19.51 -6.57 20.32
N ASN A 251 -18.70 -5.93 21.15
CA ASN A 251 -19.15 -4.82 21.98
C ASN A 251 -18.15 -3.70 21.82
N ASP A 252 -18.58 -2.61 21.19
CA ASP A 252 -17.70 -1.45 20.98
C ASP A 252 -16.36 -1.83 20.34
N LYS A 253 -15.27 -1.76 21.10
CA LYS A 253 -13.96 -2.17 20.56
C LYS A 253 -13.56 -3.62 20.84
N LYS A 254 -14.28 -4.25 21.77
CA LYS A 254 -14.06 -5.64 22.16
C LYS A 254 -14.67 -6.70 21.27
N PHE A 255 -14.06 -7.87 21.39
N PHE A 255 -14.03 -7.87 21.25
CA PHE A 255 -14.57 -9.09 20.79
CA PHE A 255 -14.70 -9.06 20.72
C PHE A 255 -14.41 -10.15 21.84
C PHE A 255 -14.31 -10.33 21.48
N VAL A 256 -15.33 -11.10 21.85
CA VAL A 256 -15.21 -12.24 22.73
C VAL A 256 -15.56 -13.47 21.92
N ILE A 257 -14.58 -14.35 21.78
CA ILE A 257 -14.77 -15.64 21.13
C ILE A 257 -15.29 -16.63 22.18
N LYS A 258 -16.52 -17.12 22.01
CA LYS A 258 -17.09 -18.07 22.95
C LYS A 258 -17.14 -19.47 22.33
N PRO A 259 -16.46 -20.43 22.96
CA PRO A 259 -16.34 -21.79 22.44
C PRO A 259 -17.63 -22.58 22.53
N ILE A 260 -17.76 -23.56 21.65
CA ILE A 260 -18.85 -24.52 21.73
C ILE A 260 -18.62 -25.40 22.95
N ASP A 261 -17.36 -25.75 23.17
CA ASP A 261 -16.97 -26.52 24.35
C ASP A 261 -16.92 -25.60 25.57
N LYS A 262 -17.95 -25.68 26.40
CA LYS A 262 -18.05 -24.89 27.63
C LYS A 262 -16.91 -25.10 28.63
N LYS A 263 -16.18 -26.20 28.48
CA LYS A 263 -15.03 -26.47 29.34
C LYS A 263 -13.84 -25.59 28.95
N ALA A 264 -13.82 -25.18 27.69
CA ALA A 264 -12.84 -24.20 27.23
C ALA A 264 -13.29 -22.80 27.69
N PRO A 265 -12.33 -21.89 27.91
CA PRO A 265 -12.66 -20.52 28.35
C PRO A 265 -12.91 -19.56 27.15
N ASP A 266 -13.52 -18.41 27.43
CA ASP A 266 -13.67 -17.37 26.44
C ASP A 266 -12.32 -16.70 26.16
N PHE A 267 -12.10 -16.32 24.90
N PHE A 267 -12.10 -16.29 24.92
CA PHE A 267 -10.94 -15.55 24.52
CA PHE A 267 -10.91 -15.54 24.58
C PHE A 267 -11.41 -14.12 24.29
C PHE A 267 -11.27 -14.12 24.17
N VAL A 268 -10.76 -13.16 24.92
CA VAL A 268 -11.12 -11.77 24.75
C VAL A 268 -10.01 -11.01 24.04
N PHE A 269 -10.37 -10.24 23.02
N PHE A 269 -10.39 -10.22 23.04
CA PHE A 269 -9.40 -9.36 22.39
CA PHE A 269 -9.45 -9.37 22.32
C PHE A 269 -9.97 -7.99 22.03
C PHE A 269 -9.98 -7.98 22.09
N TYR A 270 -9.07 -7.05 21.79
CA TYR A 270 -9.43 -5.68 21.57
C TYR A 270 -8.83 -5.20 20.26
N ALA A 271 -9.65 -4.56 19.44
CA ALA A 271 -9.12 -3.94 18.24
C ALA A 271 -9.12 -2.43 18.44
N PRO A 272 -8.17 -1.72 17.81
CA PRO A 272 -7.92 -0.32 18.13
C PRO A 272 -9.00 0.68 17.66
N ARG A 273 -9.68 0.39 16.55
CA ARG A 273 -10.65 1.33 15.95
C ARG A 273 -11.98 0.65 15.65
N LEU A 274 -13.10 1.33 15.88
CA LEU A 274 -14.44 0.77 15.62
C LEU A 274 -14.64 0.35 14.17
N ARG A 275 -14.12 1.17 13.26
CA ARG A 275 -14.11 0.83 11.84
C ARG A 275 -13.55 -0.56 11.55
N ILE A 276 -12.44 -0.90 12.20
CA ILE A 276 -11.79 -2.19 11.99
C ILE A 276 -12.62 -3.32 12.61
N ASN A 277 -13.18 -3.04 13.78
CA ASN A 277 -14.00 -4.01 14.46
C ASN A 277 -15.22 -4.42 13.69
N LYS A 278 -15.81 -3.42 13.04
CA LYS A 278 -16.97 -3.64 12.20
C LYS A 278 -16.58 -4.57 11.07
N ARG A 279 -15.43 -4.33 10.46
CA ARG A 279 -15.04 -5.19 9.35
C ARG A 279 -14.67 -6.60 9.81
N ILE A 280 -14.05 -6.72 10.99
CA ILE A 280 -13.83 -8.07 11.55
C ILE A 280 -15.14 -8.84 11.67
N LEU A 281 -16.15 -8.15 12.23
CA LEU A 281 -17.47 -8.72 12.38
C LEU A 281 -17.99 -9.21 11.03
N GLN A 282 -17.94 -8.34 10.01
CA GLN A 282 -18.47 -8.69 8.68
C GLN A 282 -17.76 -9.94 8.14
N LEU A 283 -16.44 -10.02 8.31
CA LEU A 283 -15.73 -11.17 7.77
C LEU A 283 -15.97 -12.48 8.54
N CYS A 284 -16.07 -12.37 9.87
CA CYS A 284 -16.44 -13.49 10.70
C CYS A 284 -17.80 -14.03 10.30
N MET A 285 -18.78 -13.12 10.16
CA MET A 285 -20.14 -13.51 9.78
C MET A 285 -20.12 -14.27 8.45
N GLY A 286 -19.46 -13.70 7.46
CA GLY A 286 -19.46 -14.25 6.12
C GLY A 286 -18.75 -15.57 6.00
N ASN A 287 -17.59 -15.69 6.65
CA ASN A 287 -16.84 -16.93 6.57
C ASN A 287 -17.55 -18.04 7.35
N HIS A 288 -18.09 -17.70 8.51
CA HIS A 288 -18.80 -18.71 9.31
C HIS A 288 -19.99 -19.25 8.51
N GLU A 289 -20.70 -18.33 7.87
CA GLU A 289 -21.88 -18.68 7.10
C GLU A 289 -21.54 -19.63 5.97
N LEU A 290 -20.50 -19.33 5.20
CA LEU A 290 -20.07 -20.21 4.12
C LEU A 290 -19.55 -21.56 4.64
N TYR A 291 -18.88 -21.53 5.77
CA TYR A 291 -18.38 -22.76 6.35
C TYR A 291 -19.52 -23.76 6.59
N MET A 292 -20.65 -23.25 7.05
CA MET A 292 -21.77 -24.11 7.42
C MET A 292 -22.30 -24.77 6.15
N ARG A 293 -22.37 -23.99 5.08
N ARG A 293 -22.36 -23.99 5.08
CA ARG A 293 -22.88 -24.48 3.80
CA ARG A 293 -22.84 -24.43 3.77
C ARG A 293 -22.10 -25.67 3.23
C ARG A 293 -22.11 -25.65 3.25
N ARG A 294 -20.79 -25.55 3.13
CA ARG A 294 -19.97 -26.66 2.58
C ARG A 294 -20.18 -27.99 3.31
N ARG A 295 -20.58 -27.90 4.57
CA ARG A 295 -20.80 -29.07 5.39
C ARG A 295 -22.24 -29.58 5.40
N LYS A 296 -23.19 -28.69 5.13
CA LYS A 296 -24.60 -29.09 5.03
C LYS A 296 -25.32 -28.27 3.96
N PRO B 2 34.09 -8.75 14.77
CA PRO B 2 32.99 -9.67 15.07
C PRO B 2 32.19 -10.14 13.88
N LYS B 3 31.15 -10.91 14.20
CA LYS B 3 30.29 -11.53 13.20
C LYS B 3 29.60 -10.48 12.29
N PRO B 4 29.98 -10.46 10.99
CA PRO B 4 29.43 -9.45 10.07
C PRO B 4 27.94 -9.59 9.81
N ILE B 5 27.30 -8.44 9.71
CA ILE B 5 25.90 -8.35 9.35
C ILE B 5 25.74 -7.81 7.93
N ASN B 6 25.12 -8.61 7.05
CA ASN B 6 24.97 -8.14 5.68
C ASN B 6 23.79 -7.17 5.56
N VAL B 7 23.98 -6.08 4.84
CA VAL B 7 22.89 -5.14 4.64
C VAL B 7 22.82 -4.78 3.20
N ARG B 8 21.64 -4.30 2.77
CA ARG B 8 21.48 -3.81 1.45
C ARG B 8 20.69 -2.48 1.60
N VAL B 9 21.17 -1.42 0.95
CA VAL B 9 20.50 -0.11 0.99
C VAL B 9 20.19 0.25 -0.44
N THR B 10 18.93 0.63 -0.72
CA THR B 10 18.62 1.18 -2.02
C THR B 10 18.35 2.66 -1.88
N THR B 11 18.79 3.40 -2.90
CA THR B 11 18.33 4.77 -3.09
C THR B 11 17.30 4.63 -4.19
N MET B 12 16.78 5.74 -4.68
CA MET B 12 15.78 5.65 -5.75
C MET B 12 16.28 5.00 -7.04
N ASP B 13 17.60 5.03 -7.31
CA ASP B 13 18.10 4.38 -8.53
C ASP B 13 19.34 3.49 -8.40
N ALA B 14 19.79 3.22 -7.18
CA ALA B 14 20.95 2.33 -6.97
C ALA B 14 20.75 1.39 -5.77
N GLU B 15 21.49 0.27 -5.75
CA GLU B 15 21.59 -0.60 -4.57
C GLU B 15 23.04 -0.73 -4.07
N LEU B 16 23.20 -0.69 -2.75
CA LEU B 16 24.50 -0.84 -2.12
C LEU B 16 24.40 -2.04 -1.22
N GLU B 17 25.42 -2.92 -1.24
CA GLU B 17 25.44 -4.09 -0.38
C GLU B 17 26.80 -4.21 0.25
N PHE B 18 26.83 -4.14 1.58
CA PHE B 18 28.07 -4.33 2.32
C PHE B 18 27.75 -4.91 3.68
N ALA B 19 28.77 -5.17 4.48
CA ALA B 19 28.55 -5.75 5.78
C ALA B 19 28.85 -4.70 6.84
N ILE B 20 28.06 -4.73 7.90
CA ILE B 20 28.39 -3.89 9.06
C ILE B 20 28.66 -4.79 10.25
N GLN B 21 28.79 -4.20 11.43
CA GLN B 21 29.16 -4.95 12.61
C GLN B 21 28.08 -4.76 13.65
N PRO B 22 28.05 -5.65 14.67
CA PRO B 22 27.17 -5.46 15.84
C PRO B 22 27.25 -4.07 16.49
N ASN B 23 28.40 -3.42 16.49
CA ASN B 23 28.47 -2.13 17.15
C ASN B 23 28.13 -0.97 16.23
N THR B 24 27.94 -1.27 14.93
CA THR B 24 27.71 -0.19 13.97
C THR B 24 26.46 0.63 14.30
N THR B 25 26.60 1.94 14.40
CA THR B 25 25.45 2.80 14.63
C THR B 25 24.69 3.18 13.34
N GLY B 26 23.46 3.67 13.50
CA GLY B 26 22.73 4.19 12.36
C GLY B 26 23.51 5.26 11.58
N LYS B 27 24.12 6.19 12.32
CA LYS B 27 24.93 7.27 11.72
C LYS B 27 26.07 6.73 10.87
N GLN B 28 26.77 5.73 11.42
CA GLN B 28 27.86 5.07 10.70
C GLN B 28 27.39 4.39 9.42
N LEU B 29 26.28 3.68 9.51
CA LEU B 29 25.68 3.11 8.29
C LEU B 29 25.30 4.24 7.31
N PHE B 30 24.61 5.25 7.83
CA PHE B 30 24.14 6.37 6.98
C PHE B 30 25.32 7.01 6.27
N ASP B 31 26.37 7.27 7.06
CA ASP B 31 27.56 7.94 6.55
C ASP B 31 28.23 7.14 5.45
N GLN B 32 28.26 5.81 5.57
CA GLN B 32 28.81 4.99 4.52
C GLN B 32 28.00 5.11 3.23
N VAL B 33 26.68 5.17 3.38
CA VAL B 33 25.76 5.28 2.23
C VAL B 33 26.02 6.61 1.48
N VAL B 34 25.96 7.70 2.21
CA VAL B 34 26.06 9.01 1.54
C VAL B 34 27.44 9.23 0.90
N LYS B 35 28.49 8.75 1.58
CA LYS B 35 29.83 8.91 1.05
C LYS B 35 30.00 8.06 -0.19
N THR B 36 29.36 6.90 -0.19
CA THR B 36 29.39 6.00 -1.34
C THR B 36 28.76 6.60 -2.60
N ILE B 37 27.59 7.25 -2.44
CA ILE B 37 26.91 7.83 -3.59
C ILE B 37 27.37 9.27 -3.88
N GLY B 38 28.21 9.81 -3.02
CA GLY B 38 28.71 11.18 -3.17
C GLY B 38 27.74 12.31 -2.79
N LEU B 39 26.79 12.02 -1.91
CA LEU B 39 25.79 13.01 -1.52
C LEU B 39 26.19 13.69 -0.18
N ARG B 40 26.20 15.02 -0.18
CA ARG B 40 26.60 15.83 0.99
C ARG B 40 25.47 16.65 1.62
N GLU B 41 24.34 16.76 0.91
CA GLU B 41 23.15 17.46 1.42
C GLU B 41 22.36 16.51 2.33
N VAL B 42 23.00 16.09 3.40
CA VAL B 42 22.55 14.93 4.14
C VAL B 42 21.37 15.24 5.01
N TRP B 43 21.13 16.54 5.28
CA TRP B 43 20.06 16.95 6.18
C TRP B 43 18.64 16.55 5.69
N TYR B 44 18.47 16.31 4.40
CA TYR B 44 17.10 15.97 3.91
C TYR B 44 16.76 14.51 4.11
N PHE B 45 17.79 13.67 4.35
CA PHE B 45 17.65 12.25 4.12
C PHE B 45 17.75 11.34 5.36
N GLY B 46 17.22 10.14 5.20
CA GLY B 46 17.25 9.15 6.28
C GLY B 46 17.23 7.73 5.69
N LEU B 47 17.39 6.72 6.54
CA LEU B 47 17.28 5.31 6.13
C LEU B 47 16.03 4.79 6.80
N HIS B 48 15.14 4.17 6.03
CA HIS B 48 14.06 3.42 6.69
C HIS B 48 14.11 1.92 6.39
N TYR B 49 13.40 1.15 7.21
CA TYR B 49 13.44 -0.33 7.17
C TYR B 49 12.08 -0.90 7.60
N VAL B 50 11.85 -2.17 7.32
CA VAL B 50 10.66 -2.81 7.86
C VAL B 50 10.98 -3.44 9.20
N ASP B 51 10.23 -3.14 10.25
CA ASP B 51 10.55 -3.74 11.53
C ASP B 51 10.00 -5.17 11.65
N ASN B 52 10.32 -5.84 12.75
CA ASN B 52 9.97 -7.25 12.95
C ASN B 52 8.45 -7.50 12.97
N LYS B 53 7.69 -6.41 13.05
CA LYS B 53 6.22 -6.48 13.04
C LYS B 53 5.64 -6.02 11.70
N GLY B 54 6.52 -5.78 10.73
CA GLY B 54 6.08 -5.45 9.38
C GLY B 54 5.85 -3.96 9.14
N PHE B 55 6.24 -3.14 10.10
CA PHE B 55 6.00 -1.70 10.03
C PHE B 55 7.22 -0.91 9.54
N PRO B 56 7.03 -0.11 8.49
CA PRO B 56 8.10 0.76 8.00
C PRO B 56 8.47 1.75 9.10
N THR B 57 9.77 1.99 9.29
CA THR B 57 10.29 2.70 10.43
C THR B 57 11.58 3.44 10.02
N TRP B 58 11.76 4.68 10.46
CA TRP B 58 13.02 5.37 10.23
C TRP B 58 14.08 4.86 11.19
N LEU B 59 15.29 4.69 10.67
CA LEU B 59 16.41 4.24 11.48
C LEU B 59 16.89 5.37 12.38
N LYS B 60 17.08 5.07 13.66
CA LYS B 60 17.67 6.01 14.61
C LYS B 60 19.19 6.02 14.45
N LEU B 61 19.76 7.21 14.26
CA LEU B 61 21.17 7.27 13.88
C LEU B 61 22.13 7.19 15.06
N ASP B 62 21.70 7.64 16.23
CA ASP B 62 22.56 7.61 17.42
C ASP B 62 22.38 6.30 18.19
N LYS B 63 22.13 5.23 17.45
CA LYS B 63 21.82 3.97 18.09
C LYS B 63 22.32 2.84 17.18
N LYS B 64 22.66 1.70 17.78
CA LYS B 64 23.18 0.58 17.03
C LYS B 64 22.13 0.02 16.13
N VAL B 65 22.53 -0.30 14.91
CA VAL B 65 21.59 -0.91 13.99
C VAL B 65 21.02 -2.18 14.61
N SER B 66 21.89 -2.97 15.25
CA SER B 66 21.54 -4.27 15.78
C SER B 66 20.56 -4.19 16.94
N ALA B 67 20.49 -3.03 17.57
CA ALA B 67 19.64 -2.80 18.73
C ALA B 67 18.28 -2.26 18.34
N GLN B 68 18.05 -2.11 17.04
CA GLN B 68 16.75 -1.69 16.54
C GLN B 68 16.08 -2.94 15.97
N GLU B 69 14.75 -2.96 15.88
CA GLU B 69 14.07 -4.20 15.55
C GLU B 69 13.92 -4.42 14.05
N VAL B 70 15.02 -4.33 13.33
CA VAL B 70 15.01 -4.52 11.90
C VAL B 70 14.55 -5.95 11.61
N ARG B 71 13.64 -6.11 10.66
CA ARG B 71 13.19 -7.46 10.27
C ARG B 71 14.40 -8.36 10.01
N LYS B 72 14.45 -9.51 10.67
CA LYS B 72 15.66 -10.28 10.62
C LYS B 72 15.69 -11.06 9.34
N GLU B 73 16.57 -10.66 8.44
CA GLU B 73 16.70 -11.37 7.18
C GLU B 73 18.10 -11.12 6.67
N ASN B 74 18.45 -11.73 5.55
CA ASN B 74 19.84 -11.68 5.14
C ASN B 74 19.91 -11.42 3.63
N PRO B 75 20.26 -10.19 3.24
CA PRO B 75 20.71 -9.06 4.08
C PRO B 75 19.55 -8.29 4.76
N LEU B 76 19.85 -7.52 5.80
CA LEU B 76 18.88 -6.49 6.25
C LEU B 76 18.62 -5.52 5.11
N GLN B 77 17.41 -4.95 5.03
CA GLN B 77 17.03 -4.12 3.90
C GLN B 77 16.67 -2.70 4.35
N PHE B 78 17.37 -1.73 3.79
CA PHE B 78 17.11 -0.33 4.11
C PHE B 78 16.80 0.43 2.84
N LYS B 79 16.03 1.50 2.99
CA LYS B 79 15.75 2.40 1.86
C LYS B 79 16.25 3.77 2.21
N PHE B 80 17.07 4.34 1.35
CA PHE B 80 17.60 5.68 1.57
C PHE B 80 16.67 6.66 0.86
N ARG B 81 16.01 7.55 1.60
CA ARG B 81 14.98 8.40 1.00
C ARG B 81 15.01 9.76 1.71
N ALA B 82 14.43 10.74 1.04
CA ALA B 82 14.25 12.04 1.65
C ALA B 82 13.13 11.95 2.70
N LYS B 83 13.42 12.46 3.88
CA LYS B 83 12.49 12.54 4.98
C LYS B 83 11.92 13.96 5.11
N PHE B 84 12.72 14.95 4.68
CA PHE B 84 12.36 16.38 4.70
C PHE B 84 12.53 16.97 3.32
N TYR B 85 11.70 17.97 3.02
CA TYR B 85 11.78 18.66 1.74
C TYR B 85 12.18 20.12 1.90
N PRO B 86 12.91 20.64 0.92
CA PRO B 86 13.24 22.08 0.99
C PRO B 86 11.96 22.91 0.84
N GLU B 87 12.00 24.19 1.20
CA GLU B 87 10.82 25.04 0.87
C GLU B 87 10.77 25.43 -0.60
N ASP B 88 11.91 25.59 -1.22
N ASP B 88 11.92 25.40 -1.27
CA ASP B 88 11.91 25.74 -2.67
CA ASP B 88 12.08 25.97 -2.61
C ASP B 88 13.10 25.06 -3.24
C ASP B 88 13.16 25.16 -3.36
N VAL B 89 12.79 24.07 -4.07
CA VAL B 89 13.80 23.21 -4.69
CA VAL B 89 13.79 23.20 -4.67
C VAL B 89 14.74 23.98 -5.58
N ALA B 90 14.17 24.92 -6.34
CA ALA B 90 14.95 25.71 -7.29
C ALA B 90 16.10 26.49 -6.65
N GLU B 91 15.91 27.02 -5.45
N GLU B 91 15.89 27.01 -5.44
CA GLU B 91 16.97 27.86 -4.88
CA GLU B 91 16.89 27.90 -4.82
C GLU B 91 17.83 27.12 -3.89
C GLU B 91 17.76 27.19 -3.80
N GLU B 92 17.31 26.02 -3.32
CA GLU B 92 18.01 25.33 -2.23
C GLU B 92 18.82 24.12 -2.60
N LEU B 93 18.36 23.27 -3.50
CA LEU B 93 19.15 22.03 -3.71
C LEU B 93 20.43 22.38 -4.45
N ILE B 94 21.53 21.82 -4.01
CA ILE B 94 22.84 22.17 -4.55
C ILE B 94 23.39 21.16 -5.58
N GLN B 95 23.37 19.88 -5.23
CA GLN B 95 23.96 18.86 -6.10
C GLN B 95 23.03 18.19 -7.11
N ASP B 96 23.61 17.75 -8.22
CA ASP B 96 22.83 17.00 -9.20
C ASP B 96 22.25 15.73 -8.59
N ILE B 97 23.01 15.06 -7.73
CA ILE B 97 22.55 13.80 -7.13
C ILE B 97 21.33 14.04 -6.23
N THR B 98 21.39 15.08 -5.42
CA THR B 98 20.28 15.41 -4.52
C THR B 98 19.02 15.68 -5.32
N GLN B 99 19.16 16.53 -6.32
CA GLN B 99 18.02 16.89 -7.19
C GLN B 99 17.44 15.65 -7.88
N LYS B 100 18.32 14.79 -8.37
CA LYS B 100 17.92 13.56 -9.05
C LYS B 100 17.14 12.69 -8.08
N LEU B 101 17.65 12.52 -6.86
CA LEU B 101 16.96 11.66 -5.92
C LEU B 101 15.60 12.22 -5.45
N PHE B 102 15.50 13.53 -5.28
CA PHE B 102 14.18 14.16 -5.07
C PHE B 102 13.21 13.96 -6.24
N PHE B 103 13.70 14.19 -7.48
CA PHE B 103 12.92 14.03 -8.69
C PHE B 103 12.35 12.60 -8.75
N LEU B 104 13.19 11.61 -8.52
CA LEU B 104 12.74 10.24 -8.61
C LEU B 104 11.74 9.89 -7.49
N GLN B 105 11.97 10.37 -6.28
CA GLN B 105 11.08 10.07 -5.16
C GLN B 105 9.71 10.76 -5.28
N VAL B 106 9.72 12.05 -5.66
CA VAL B 106 8.49 12.78 -5.93
C VAL B 106 7.72 12.18 -7.10
N LYS B 107 8.42 11.84 -8.17
CA LYS B 107 7.73 11.24 -9.34
C LYS B 107 7.07 9.91 -8.96
N GLU B 108 7.72 9.15 -8.08
CA GLU B 108 7.17 7.88 -7.61
C GLU B 108 5.87 8.12 -6.85
N GLY B 109 5.85 9.14 -6.01
CA GLY B 109 4.65 9.49 -5.26
C GLY B 109 3.48 10.02 -6.10
N ILE B 110 3.78 10.76 -7.16
CA ILE B 110 2.78 11.24 -8.12
C ILE B 110 2.22 10.03 -8.91
N LEU B 111 3.11 9.18 -9.40
CA LEU B 111 2.68 8.09 -10.31
C LEU B 111 1.99 6.99 -9.56
N SER B 112 2.19 6.93 -8.25
CA SER B 112 1.55 5.93 -7.41
C SER B 112 0.23 6.45 -6.84
N ASP B 113 -0.15 7.65 -7.23
CA ASP B 113 -1.39 8.31 -6.76
C ASP B 113 -1.36 8.79 -5.31
N GLU B 114 -0.20 8.77 -4.68
CA GLU B 114 -0.09 9.25 -3.30
C GLU B 114 -0.24 10.76 -3.16
N ILE B 115 0.22 11.48 -4.16
CA ILE B 115 0.16 12.93 -4.17
C ILE B 115 -0.85 13.27 -5.27
N TYR B 116 -2.05 13.76 -4.90
CA TYR B 116 -3.03 14.13 -5.90
C TYR B 116 -2.40 15.05 -6.99
N CYS B 117 -2.77 14.78 -8.24
CA CYS B 117 -2.28 15.55 -9.39
C CYS B 117 -3.39 15.69 -10.44
N PRO B 118 -3.76 16.92 -10.76
CA PRO B 118 -4.79 17.09 -11.78
C PRO B 118 -4.25 16.68 -13.15
N PRO B 119 -5.15 16.37 -14.10
CA PRO B 119 -4.72 15.77 -15.37
C PRO B 119 -3.78 16.61 -16.18
N GLU B 120 -4.01 17.92 -16.26
CA GLU B 120 -3.18 18.77 -17.11
C GLU B 120 -1.78 18.85 -16.47
N THR B 121 -1.74 18.91 -15.16
CA THR B 121 -0.43 18.90 -14.48
C THR B 121 0.26 17.55 -14.70
N ALA B 122 -0.50 16.46 -14.73
CA ALA B 122 0.14 15.15 -14.93
C ALA B 122 0.77 15.04 -16.31
N VAL B 123 0.07 15.57 -17.32
CA VAL B 123 0.63 15.61 -18.65
C VAL B 123 1.90 16.45 -18.74
N LEU B 124 1.88 17.61 -18.09
CA LEU B 124 3.05 18.46 -18.13
C LEU B 124 4.22 17.78 -17.39
N LEU B 125 3.96 17.28 -16.19
CA LEU B 125 4.99 16.54 -15.47
C LEU B 125 5.52 15.38 -16.31
N GLY B 126 4.65 14.65 -16.99
CA GLY B 126 5.11 13.52 -17.79
C GLY B 126 6.01 13.95 -18.92
N SER B 127 5.73 15.12 -19.52
CA SER B 127 6.61 15.62 -20.57
C SER B 127 8.06 15.88 -20.06
N TYR B 128 8.20 16.34 -18.84
CA TYR B 128 9.53 16.55 -18.30
C TYR B 128 10.21 15.24 -17.94
N ALA B 129 9.42 14.28 -17.43
CA ALA B 129 9.94 12.98 -17.09
C ALA B 129 10.49 12.31 -18.33
N VAL B 130 9.78 12.50 -19.43
CA VAL B 130 10.11 11.84 -20.67
C VAL B 130 11.33 12.54 -21.32
N GLN B 131 11.42 13.85 -21.14
CA GLN B 131 12.59 14.61 -21.59
C GLN B 131 13.84 14.24 -20.80
N ALA B 132 13.71 14.10 -19.49
CA ALA B 132 14.82 13.63 -18.66
C ALA B 132 15.31 12.24 -19.05
N LYS B 133 14.38 11.32 -19.30
CA LYS B 133 14.72 9.93 -19.61
C LYS B 133 15.16 9.64 -21.05
N PHE B 134 14.49 10.24 -22.03
CA PHE B 134 14.75 9.90 -23.44
C PHE B 134 15.47 11.00 -24.23
N GLY B 135 15.64 12.18 -23.64
CA GLY B 135 16.16 13.31 -24.39
C GLY B 135 15.09 13.91 -25.29
N ASP B 136 15.55 14.55 -26.37
CA ASP B 136 14.65 15.32 -27.25
C ASP B 136 13.64 14.44 -27.97
N TYR B 137 12.45 14.99 -28.19
CA TYR B 137 11.45 14.34 -29.02
C TYR B 137 11.98 14.15 -30.43
N GLY B 145 5.34 5.41 -30.27
CA GLY B 145 5.05 5.70 -28.87
C GLY B 145 6.27 5.63 -27.98
N TYR B 146 6.09 5.88 -26.68
CA TYR B 146 7.20 5.73 -25.74
C TYR B 146 7.57 4.28 -25.42
N GLU B 150 6.73 1.91 -19.27
CA GLU B 150 6.85 3.31 -18.86
C GLU B 150 5.53 3.88 -18.31
N ARG B 151 5.34 3.86 -17.00
CA ARG B 151 4.17 4.56 -16.47
C ARG B 151 4.41 6.04 -16.66
N LEU B 152 3.47 6.70 -17.34
CA LEU B 152 3.61 8.12 -17.64
C LEU B 152 2.66 8.99 -16.83
N ILE B 153 1.49 8.41 -16.51
CA ILE B 153 0.37 9.14 -15.93
C ILE B 153 -0.13 8.34 -14.73
N PRO B 154 -0.54 9.02 -13.67
CA PRO B 154 -1.05 8.31 -12.49
C PRO B 154 -2.34 7.56 -12.83
N GLN B 155 -2.48 6.37 -12.29
CA GLN B 155 -3.64 5.54 -12.64
C GLN B 155 -4.97 6.23 -12.28
N ARG B 156 -5.02 6.98 -11.21
CA ARG B 156 -6.27 7.64 -10.82
C ARG B 156 -6.65 8.74 -11.81
N VAL B 157 -5.66 9.37 -12.45
CA VAL B 157 -5.99 10.27 -13.55
C VAL B 157 -6.59 9.50 -14.72
N MET B 158 -5.94 8.41 -15.13
CA MET B 158 -6.50 7.59 -16.21
C MET B 158 -7.89 7.04 -15.88
N ASP B 159 -8.09 6.61 -14.64
CA ASP B 159 -9.39 6.07 -14.20
C ASP B 159 -10.54 7.08 -14.23
N GLN B 160 -10.23 8.38 -14.10
CA GLN B 160 -11.30 9.38 -14.09
C GLN B 160 -11.62 10.01 -15.44
N HIS B 161 -11.03 9.51 -16.52
CA HIS B 161 -11.31 10.08 -17.85
C HIS B 161 -11.55 9.04 -18.92
N LYS B 162 -11.96 9.51 -20.10
CA LYS B 162 -12.32 8.61 -21.18
C LYS B 162 -11.15 8.40 -22.14
N LEU B 163 -10.04 9.09 -21.90
CA LEU B 163 -8.84 8.87 -22.72
C LEU B 163 -8.28 7.46 -22.61
N THR B 164 -7.79 6.95 -23.74
CA THR B 164 -7.00 5.73 -23.74
C THR B 164 -5.59 6.13 -23.31
N ARG B 165 -4.79 5.15 -22.89
CA ARG B 165 -3.37 5.41 -22.58
C ARG B 165 -2.70 6.08 -23.77
N ASP B 166 -2.99 5.57 -24.95
CA ASP B 166 -2.46 6.11 -26.19
C ASP B 166 -2.82 7.58 -26.40
N GLN B 167 -4.05 7.96 -26.03
CA GLN B 167 -4.43 9.37 -26.11
C GLN B 167 -3.71 10.26 -25.07
N TRP B 168 -3.46 9.73 -23.87
CA TRP B 168 -2.70 10.49 -22.88
C TRP B 168 -1.27 10.72 -23.39
N GLU B 169 -0.73 9.66 -23.96
CA GLU B 169 0.62 9.66 -24.46
C GLU B 169 0.76 10.74 -25.52
N ASP B 170 -0.25 10.82 -26.38
CA ASP B 170 -0.25 11.83 -27.42
C ASP B 170 -0.11 13.21 -26.80
N ARG B 171 -0.79 13.43 -25.68
CA ARG B 171 -0.78 14.76 -25.09
C ARG B 171 0.57 15.04 -24.47
N ILE B 172 1.21 13.99 -24.00
CA ILE B 172 2.54 14.15 -23.43
C ILE B 172 3.49 14.53 -24.58
N GLN B 173 3.35 13.84 -25.70
CA GLN B 173 4.18 14.11 -26.88
C GLN B 173 4.13 15.57 -27.33
N VAL B 174 2.94 16.16 -27.38
CA VAL B 174 2.79 17.58 -27.77
C VAL B 174 3.69 18.48 -26.91
N TRP B 175 3.67 18.25 -25.61
CA TRP B 175 4.51 19.02 -24.70
C TRP B 175 5.99 18.67 -24.83
N HIS B 176 6.28 17.37 -24.92
CA HIS B 176 7.66 16.89 -25.10
C HIS B 176 8.36 17.60 -26.27
N ALA B 177 7.66 17.74 -27.39
CA ALA B 177 8.21 18.47 -28.54
C ALA B 177 8.75 19.87 -28.14
N GLU B 178 8.10 20.51 -27.19
CA GLU B 178 8.44 21.89 -26.82
C GLU B 178 9.73 21.94 -26.03
N HIS B 179 10.15 20.80 -25.53
CA HIS B 179 11.29 20.78 -24.63
C HIS B 179 12.65 20.58 -25.32
N ARG B 180 12.64 20.58 -26.65
CA ARG B 180 13.85 20.30 -27.41
C ARG B 180 15.07 21.07 -26.90
N GLY B 181 16.19 20.36 -26.74
CA GLY B 181 17.43 20.94 -26.27
C GLY B 181 17.59 20.92 -24.76
N MET B 182 16.50 20.68 -24.03
CA MET B 182 16.57 20.73 -22.57
C MET B 182 17.40 19.61 -22.03
N LEU B 183 18.42 19.95 -21.24
CA LEU B 183 19.29 18.96 -20.62
C LEU B 183 18.56 18.15 -19.56
N LYS B 184 19.04 16.93 -19.31
CA LYS B 184 18.41 16.04 -18.33
C LYS B 184 18.20 16.65 -16.92
N ASP B 185 19.26 17.17 -16.32
CA ASP B 185 19.13 17.75 -14.98
C ASP B 185 18.12 18.89 -14.94
N ASN B 186 18.15 19.72 -15.97
CA ASN B 186 17.14 20.78 -16.07
C ASN B 186 15.70 20.27 -16.18
N ALA B 187 15.49 19.20 -16.94
CA ALA B 187 14.15 18.61 -17.06
C ALA B 187 13.69 18.17 -15.66
N MET B 188 14.63 17.60 -14.91
CA MET B 188 14.33 17.15 -13.56
C MET B 188 13.93 18.30 -12.63
N LEU B 189 14.60 19.44 -12.79
CA LEU B 189 14.34 20.55 -11.91
C LEU B 189 12.97 21.16 -12.26
N GLU B 190 12.65 21.18 -13.55
CA GLU B 190 11.41 21.77 -14.00
C GLU B 190 10.25 20.91 -13.50
N TYR B 191 10.45 19.60 -13.55
CA TYR B 191 9.52 18.64 -12.93
C TYR B 191 9.27 19.00 -11.45
N LEU B 192 10.35 19.07 -10.64
CA LEU B 192 10.19 19.43 -9.26
C LEU B 192 9.49 20.81 -9.03
N LYS B 193 9.80 21.81 -9.84
CA LYS B 193 9.19 23.13 -9.65
C LYS B 193 7.65 23.04 -9.78
N ILE B 194 7.20 22.23 -10.73
CA ILE B 194 5.76 22.08 -10.92
C ILE B 194 5.14 21.20 -9.80
N ALA B 195 5.83 20.15 -9.40
CA ALA B 195 5.27 19.22 -8.43
C ALA B 195 5.15 19.95 -7.09
N GLN B 196 6.11 20.85 -6.88
CA GLN B 196 6.16 21.64 -5.64
C GLN B 196 4.88 22.46 -5.41
N ASP B 197 4.19 22.82 -6.49
CA ASP B 197 2.99 23.64 -6.38
C ASP B 197 1.73 22.79 -6.09
N LEU B 198 1.88 21.47 -6.15
CA LEU B 198 0.77 20.55 -5.82
C LEU B 198 0.38 20.66 -4.36
N GLU B 199 -0.92 20.74 -4.11
CA GLU B 199 -1.42 20.88 -2.74
C GLU B 199 -0.91 19.82 -1.73
N MET B 200 -0.74 18.57 -2.17
CA MET B 200 -0.29 17.50 -1.27
C MET B 200 1.22 17.28 -1.22
N TYR B 201 1.95 18.02 -2.06
CA TYR B 201 3.40 17.89 -2.11
C TYR B 201 4.04 18.13 -0.75
N GLY B 202 4.99 17.24 -0.40
CA GLY B 202 5.84 17.46 0.74
C GLY B 202 5.13 17.37 2.08
N ILE B 203 3.91 16.86 2.12
CA ILE B 203 3.18 16.76 3.38
C ILE B 203 3.04 15.33 3.93
N ASN B 204 3.38 15.12 5.21
CA ASN B 204 3.01 13.87 5.85
CA ASN B 204 3.08 13.90 5.94
C ASN B 204 1.70 14.01 6.61
N TYR B 205 0.77 13.10 6.29
CA TYR B 205 -0.56 13.12 6.86
C TYR B 205 -0.78 12.08 7.96
N PHE B 206 -1.49 12.50 9.00
CA PHE B 206 -1.77 11.62 10.13
C PHE B 206 -3.23 11.76 10.59
N GLU B 207 -3.83 10.66 10.99
CA GLU B 207 -5.20 10.68 11.50
C GLU B 207 -5.21 11.21 12.93
N ILE B 208 -6.05 12.18 13.20
CA ILE B 208 -6.13 12.75 14.54
C ILE B 208 -7.56 13.06 14.89
N LYS B 209 -7.77 13.49 16.13
CA LYS B 209 -9.08 13.99 16.55
C LYS B 209 -8.90 15.26 17.36
N ASN B 210 -9.90 16.14 17.32
CA ASN B 210 -9.88 17.32 18.19
C ASN B 210 -10.55 17.06 19.55
N LYS B 211 -10.69 18.14 20.34
CA LYS B 211 -11.32 18.05 21.65
C LYS B 211 -12.72 17.46 21.54
N LYS B 212 -13.52 18.02 20.63
CA LYS B 212 -14.88 17.53 20.36
C LYS B 212 -14.91 16.06 19.98
N GLY B 213 -13.77 15.55 19.50
CA GLY B 213 -13.68 14.16 19.12
C GLY B 213 -13.93 13.95 17.64
N THR B 214 -13.94 15.02 16.86
CA THR B 214 -14.18 14.86 15.43
C THR B 214 -12.88 14.43 14.72
N ASP B 215 -13.02 13.52 13.76
CA ASP B 215 -11.90 13.03 12.96
C ASP B 215 -11.33 14.09 12.01
N LEU B 216 -10.01 14.20 11.98
CA LEU B 216 -9.34 15.21 11.16
C LEU B 216 -8.05 14.62 10.60
N TRP B 217 -7.38 15.36 9.72
CA TRP B 217 -5.99 15.02 9.38
C TRP B 217 -5.06 16.11 9.91
N LEU B 218 -3.90 15.68 10.41
CA LEU B 218 -2.78 16.58 10.64
C LEU B 218 -1.88 16.44 9.43
N GLY B 219 -1.46 17.57 8.88
CA GLY B 219 -0.36 17.61 7.92
C GLY B 219 0.89 18.22 8.56
N VAL B 220 2.04 17.59 8.37
CA VAL B 220 3.34 18.13 8.81
C VAL B 220 4.19 18.39 7.58
N ASP B 221 4.65 19.61 7.42
CA ASP B 221 5.48 19.91 6.25
C ASP B 221 6.55 20.93 6.59
N ALA B 222 7.29 21.37 5.57
CA ALA B 222 8.44 22.24 5.80
C ALA B 222 8.01 23.58 6.32
N LEU B 223 6.74 23.96 6.09
CA LEU B 223 6.31 25.31 6.48
C LEU B 223 5.60 25.35 7.84
N GLY B 224 5.11 24.21 8.30
CA GLY B 224 4.43 24.16 9.59
C GLY B 224 3.42 23.02 9.65
N LEU B 225 2.40 23.23 10.48
CA LEU B 225 1.36 22.23 10.68
C LEU B 225 0.05 22.69 10.06
N ASN B 226 -0.72 21.71 9.56
CA ASN B 226 -2.07 22.02 9.06
C ASN B 226 -3.09 21.02 9.55
N ILE B 227 -4.33 21.48 9.73
CA ILE B 227 -5.40 20.62 10.19
C ILE B 227 -6.42 20.58 9.05
N TYR B 228 -6.84 19.37 8.68
CA TYR B 228 -7.71 19.20 7.54
C TYR B 228 -8.95 18.48 7.97
N GLU B 229 -10.08 18.81 7.34
N GLU B 229 -10.08 18.82 7.34
CA GLU B 229 -11.26 18.02 7.53
CA GLU B 229 -11.28 18.01 7.50
C GLU B 229 -11.03 16.65 6.88
C GLU B 229 -10.99 16.64 6.91
N LYS B 230 -11.62 15.61 7.46
CA LYS B 230 -11.33 14.25 7.07
C LYS B 230 -11.57 13.98 5.60
N ASP B 231 -12.54 14.65 5.03
CA ASP B 231 -12.86 14.41 3.61
C ASP B 231 -12.09 15.30 2.61
N ASP B 232 -11.10 16.05 3.07
CA ASP B 232 -10.43 17.03 2.18
C ASP B 232 -8.98 17.29 2.62
N LYS B 233 -8.04 16.53 2.06
CA LYS B 233 -6.60 16.68 2.33
C LYS B 233 -5.99 17.77 1.45
N LEU B 234 -6.77 18.44 0.60
CA LEU B 234 -6.16 19.47 -0.23
C LEU B 234 -6.12 20.82 0.45
N THR B 235 -7.22 21.18 1.10
CA THR B 235 -7.33 22.52 1.62
C THR B 235 -7.36 22.56 3.14
N PRO B 236 -6.29 23.07 3.74
CA PRO B 236 -6.27 23.15 5.20
C PRO B 236 -7.38 24.03 5.75
N LYS B 237 -7.92 23.62 6.89
CA LYS B 237 -8.95 24.37 7.60
C LYS B 237 -8.31 25.33 8.60
N ILE B 238 -7.24 24.87 9.25
CA ILE B 238 -6.40 25.70 10.11
C ILE B 238 -4.95 25.46 9.71
N GLY B 239 -4.17 26.54 9.67
CA GLY B 239 -2.75 26.49 9.40
C GLY B 239 -1.97 27.02 10.59
N PHE B 240 -0.87 26.34 10.92
CA PHE B 240 0.06 26.79 11.97
C PHE B 240 1.50 26.83 11.47
N PRO B 241 1.94 27.97 10.92
CA PRO B 241 3.32 28.12 10.42
C PRO B 241 4.40 27.86 11.48
N TRP B 242 5.60 27.42 11.08
CA TRP B 242 6.64 27.13 12.08
C TRP B 242 6.99 28.41 12.81
N SER B 243 6.84 29.54 12.13
CA SER B 243 7.12 30.85 12.72
C SER B 243 6.22 31.15 13.91
N GLU B 244 5.08 30.48 13.99
CA GLU B 244 4.08 30.80 15.01
C GLU B 244 4.01 29.76 16.12
N ILE B 245 4.86 28.75 16.05
CA ILE B 245 4.77 27.66 17.02
C ILE B 245 5.88 27.77 18.05
N ARG B 246 5.49 27.88 19.31
CA ARG B 246 6.45 28.00 20.40
C ARG B 246 7.07 26.65 20.68
N ASN B 247 6.21 25.65 20.77
CA ASN B 247 6.60 24.34 21.25
C ASN B 247 5.49 23.33 20.97
N ILE B 248 5.88 22.09 20.69
CA ILE B 248 4.88 21.02 20.59
C ILE B 248 5.32 19.78 21.33
N SER B 249 4.40 19.20 22.08
CA SER B 249 4.72 18.08 22.95
C SER B 249 3.57 17.13 22.94
N PHE B 250 3.84 15.85 23.13
CA PHE B 250 2.75 14.94 23.42
C PHE B 250 2.88 14.24 24.76
N ASN B 251 1.74 13.85 25.28
CA ASN B 251 1.66 13.03 26.48
C ASN B 251 0.70 11.90 26.17
N ASP B 252 1.24 10.69 26.14
CA ASP B 252 0.47 9.51 25.76
C ASP B 252 -0.16 9.69 24.37
N LYS B 253 -1.38 10.22 24.32
CA LYS B 253 -2.07 10.41 23.04
C LYS B 253 -2.46 11.87 22.82
N LYS B 254 -2.30 12.70 23.84
CA LYS B 254 -2.65 14.11 23.76
C LYS B 254 -1.48 14.94 23.25
N PHE B 255 -1.70 15.64 22.14
CA PHE B 255 -0.72 16.58 21.58
C PHE B 255 -1.11 18.02 21.87
N VAL B 256 -0.13 18.87 22.17
CA VAL B 256 -0.44 20.28 22.39
C VAL B 256 0.46 21.20 21.58
N ILE B 257 -0.16 22.06 20.76
CA ILE B 257 0.60 23.06 20.03
C ILE B 257 0.52 24.35 20.81
N LYS B 258 1.66 24.89 21.20
CA LYS B 258 1.68 26.14 21.95
C LYS B 258 2.12 27.32 21.08
N PRO B 259 1.34 28.41 21.12
CA PRO B 259 1.57 29.60 20.30
C PRO B 259 2.67 30.47 20.86
N ILE B 260 3.58 30.94 20.00
CA ILE B 260 4.52 31.97 20.38
C ILE B 260 3.71 33.16 20.87
N ASP B 261 2.79 33.63 20.02
CA ASP B 261 1.90 34.72 20.37
C ASP B 261 0.87 34.25 21.40
N LYS B 262 1.12 34.56 22.67
CA LYS B 262 0.13 34.37 23.72
C LYS B 262 -0.70 35.66 23.72
N LYS B 263 -1.87 35.70 24.38
CA LYS B 263 -2.50 34.56 25.03
C LYS B 263 -3.48 33.95 24.05
N ALA B 264 -3.06 33.85 22.80
CA ALA B 264 -3.77 33.05 21.81
C ALA B 264 -3.78 31.63 22.35
N PRO B 265 -4.85 30.87 22.07
CA PRO B 265 -5.01 29.63 22.82
C PRO B 265 -4.14 28.49 22.30
N ASP B 266 -3.91 27.48 23.15
CA ASP B 266 -3.27 26.25 22.74
C ASP B 266 -4.20 25.46 21.81
N PHE B 267 -3.62 24.72 20.87
CA PHE B 267 -4.40 23.80 20.05
C PHE B 267 -4.09 22.37 20.49
N VAL B 268 -5.13 21.66 20.89
CA VAL B 268 -5.00 20.28 21.34
C VAL B 268 -5.53 19.32 20.29
N PHE B 269 -4.83 18.22 20.07
CA PHE B 269 -5.39 17.10 19.32
C PHE B 269 -4.94 15.76 19.89
N TYR B 270 -5.55 14.69 19.41
CA TYR B 270 -5.20 13.37 19.87
C TYR B 270 -4.89 12.46 18.70
N ALA B 271 -3.89 11.61 18.86
CA ALA B 271 -3.62 10.52 17.94
C ALA B 271 -3.40 9.26 18.78
N PRO B 272 -3.95 8.12 18.33
CA PRO B 272 -4.09 6.90 19.13
C PRO B 272 -2.89 5.97 19.28
N ARG B 273 -1.98 5.94 18.31
CA ARG B 273 -0.88 5.00 18.33
C ARG B 273 0.42 5.66 18.78
N LEU B 274 0.96 5.21 19.90
CA LEU B 274 2.26 5.72 20.35
C LEU B 274 3.32 5.62 19.24
N ARG B 275 3.26 4.57 18.45
CA ARG B 275 4.20 4.37 17.35
C ARG B 275 4.10 5.53 16.35
N ILE B 276 2.87 6.01 16.13
CA ILE B 276 2.63 7.12 15.22
C ILE B 276 2.96 8.48 15.84
N ASN B 277 2.56 8.68 17.10
CA ASN B 277 2.89 9.89 17.83
C ASN B 277 4.36 10.20 17.88
N LYS B 278 5.17 9.14 17.96
CA LYS B 278 6.62 9.29 17.97
C LYS B 278 7.05 9.85 16.62
N ARG B 279 6.55 9.25 15.54
CA ARG B 279 6.91 9.74 14.21
C ARG B 279 6.43 11.19 14.00
N ILE B 280 5.21 11.50 14.40
CA ILE B 280 4.75 12.90 14.34
C ILE B 280 5.70 13.86 15.02
N LEU B 281 6.02 13.54 16.26
CA LEU B 281 6.97 14.35 17.01
C LEU B 281 8.31 14.52 16.28
N GLN B 282 8.86 13.42 15.76
CA GLN B 282 10.16 13.49 15.07
C GLN B 282 10.09 14.35 13.79
N LEU B 283 9.00 14.26 13.04
CA LEU B 283 8.87 15.06 11.83
C LEU B 283 8.69 16.54 12.14
N CYS B 284 7.99 16.85 13.22
CA CYS B 284 7.81 18.23 13.67
C CYS B 284 9.13 18.84 14.06
N MET B 285 9.92 18.08 14.84
CA MET B 285 11.21 18.56 15.32
C MET B 285 12.13 18.83 14.14
N GLY B 286 12.23 17.86 13.23
CA GLY B 286 13.07 18.00 12.05
C GLY B 286 12.70 19.15 11.11
N ASN B 287 11.42 19.27 10.79
CA ASN B 287 10.98 20.38 9.95
C ASN B 287 11.18 21.76 10.61
N HIS B 288 10.85 21.85 11.88
CA HIS B 288 10.96 23.14 12.57
C HIS B 288 12.43 23.58 12.60
N GLU B 289 13.32 22.62 12.77
CA GLU B 289 14.73 22.92 12.84
C GLU B 289 15.25 23.38 11.49
N LEU B 290 14.83 22.72 10.41
CA LEU B 290 15.26 23.13 9.09
C LEU B 290 14.69 24.50 8.72
N TYR B 291 13.43 24.73 9.11
CA TYR B 291 12.76 26.00 8.83
C TYR B 291 13.60 27.16 9.38
N MET B 292 14.19 26.93 10.55
CA MET B 292 14.91 27.99 11.29
C MET B 292 16.20 28.32 10.57
N ARG B 293 16.84 27.28 10.05
CA ARG B 293 18.10 27.45 9.34
C ARG B 293 17.98 28.27 8.04
N ARG B 294 16.92 28.09 7.28
CA ARG B 294 16.75 28.88 6.06
C ARG B 294 16.72 30.36 6.36
N ARG B 295 16.18 30.69 7.53
CA ARG B 295 16.02 32.05 7.93
C ARG B 295 17.19 32.58 8.76
N LYS B 296 18.17 31.73 9.06
CA LYS B 296 19.33 32.19 9.83
C LYS B 296 20.60 31.36 9.66
S SO4 C . -17.96 -20.65 -17.41
O1 SO4 C . -17.22 -19.43 -17.01
O2 SO4 C . -17.26 -21.89 -17.02
O3 SO4 C . -19.27 -20.56 -16.75
O4 SO4 C . -18.09 -20.65 -18.86
S SO4 D . -12.44 4.97 15.90
O1 SO4 D . -10.99 4.96 16.02
O2 SO4 D . -12.93 6.32 16.16
O3 SO4 D . -12.85 4.54 14.55
O4 SO4 D . -13.01 4.07 16.91
S SO4 E . 26.97 16.71 -7.98
O1 SO4 E . 26.30 17.95 -8.39
O2 SO4 E . 27.64 16.89 -6.68
O3 SO4 E . 26.04 15.55 -7.81
O4 SO4 E . 27.90 16.37 -9.05
S SO4 F . -0.13 1.81 20.72
O1 SO4 F . 0.00 3.03 21.52
O2 SO4 F . 0.20 0.66 21.55
O3 SO4 F . -1.52 1.67 20.30
O4 SO4 F . 0.77 1.86 19.57
#